data_5WOU
#
_entry.id   5WOU
#
_cell.length_a   36.429
_cell.length_b   53.884
_cell.length_c   94.219
_cell.angle_alpha   90.00
_cell.angle_beta   90.00
_cell.angle_gamma   90.00
#
_symmetry.space_group_name_H-M   'C 2 2 21'
#
loop_
_entity.id
_entity.type
_entity.pdbx_description
1 polymer 'Protein lap4'
2 polymer 'GUK-holder, isoform A'
3 non-polymer 1,2-ETHANEDIOL
4 non-polymer 'TRIETHYLENE GLYCOL'
5 water water
#
loop_
_entity_poly.entity_id
_entity_poly.type
_entity_poly.pdbx_seq_one_letter_code
_entity_poly.pdbx_strand_id
1 'polypeptide(L)'
;GPLGSRLEQYEIHIERTAAGLGLSIAGGKGSTPFKGDDDGIFISRVTEAGPADLAGLKVGDKVIKVNGIVVVDADHYQAV
QVLKACGAVLVLVVQREVTR
;
A
2 'polypeptide(L)' LPSFETAL V
#
loop_
_chem_comp.id
_chem_comp.type
_chem_comp.name
_chem_comp.formula
EDO non-polymer 1,2-ETHANEDIOL 'C2 H6 O2'
PGE non-polymer 'TRIETHYLENE GLYCOL' 'C6 H14 O4'
#
# COMPACT_ATOMS: atom_id res chain seq x y z
N SER A 5 -2.52 -13.49 -17.18
CA SER A 5 -2.49 -12.35 -16.21
C SER A 5 -1.10 -11.75 -16.11
N ARG A 6 -0.97 -10.49 -16.52
CA ARG A 6 0.29 -9.77 -16.45
C ARG A 6 0.52 -9.26 -15.04
N LEU A 7 1.76 -9.40 -14.56
CA LEU A 7 2.22 -8.68 -13.38
C LEU A 7 2.85 -7.38 -13.85
N GLU A 8 2.19 -6.25 -13.57
CA GLU A 8 2.68 -4.95 -13.97
C GLU A 8 3.13 -4.16 -12.75
N GLN A 9 3.99 -3.19 -12.99
CA GLN A 9 4.51 -2.30 -11.96
C GLN A 9 4.15 -0.87 -12.35
N TYR A 10 3.45 -0.18 -11.44
CA TYR A 10 2.92 1.14 -11.73
C TYR A 10 3.37 2.13 -10.67
N GLU A 11 3.43 3.40 -11.06
CA GLU A 11 3.64 4.50 -10.13
C GLU A 11 2.31 5.21 -9.89
N ILE A 12 1.99 5.44 -8.62
CA ILE A 12 0.72 6.01 -8.19
C ILE A 12 1.02 7.25 -7.35
N HIS A 13 0.54 8.41 -7.81
CA HIS A 13 0.91 9.69 -7.21
C HIS A 13 -0.23 10.16 -6.32
N ILE A 14 -0.05 10.01 -5.00
CA ILE A 14 -1.10 10.27 -4.03
C ILE A 14 -0.80 11.60 -3.32
N GLU A 15 -1.72 12.55 -3.41
CA GLU A 15 -1.61 13.82 -2.69
C GLU A 15 -2.39 13.72 -1.39
N ARG A 16 -1.68 13.69 -0.27
CA ARG A 16 -2.31 13.67 1.04
C ARG A 16 -3.25 14.86 1.18
N THR A 17 -4.43 14.62 1.75
CA THR A 17 -5.39 15.68 2.01
C THR A 17 -5.80 15.67 3.48
N ALA A 18 -6.82 16.44 3.84
CA ALA A 18 -7.34 16.41 5.21
C ALA A 18 -7.87 15.03 5.57
N ALA A 19 -8.24 14.22 4.58
CA ALA A 19 -8.73 12.88 4.81
C ALA A 19 -7.63 11.82 4.71
N GLY A 20 -6.38 12.23 4.86
CA GLY A 20 -5.25 11.31 4.80
C GLY A 20 -4.92 10.85 3.39
N LEU A 21 -4.62 9.57 3.25
CA LEU A 21 -4.33 8.99 1.94
C LEU A 21 -5.53 8.30 1.32
N GLY A 22 -6.50 7.88 2.13
CA GLY A 22 -7.64 7.15 1.62
C GLY A 22 -7.32 5.73 1.22
N LEU A 23 -6.52 5.02 2.02
CA LEU A 23 -6.17 3.63 1.77
C LEU A 23 -5.92 2.93 3.09
N SER A 24 -6.04 1.61 3.05
CA SER A 24 -5.64 0.74 4.14
C SER A 24 -4.61 -0.26 3.64
N ILE A 25 -3.66 -0.62 4.50
CA ILE A 25 -2.68 -1.65 4.17
C ILE A 25 -2.86 -2.82 5.11
N ALA A 26 -2.59 -4.02 4.59
CA ALA A 26 -2.56 -5.24 5.37
C ALA A 26 -1.27 -5.99 5.07
N GLY A 27 -0.90 -6.88 5.96
CA GLY A 27 0.31 -7.67 5.77
C GLY A 27 1.52 -7.02 6.39
N GLY A 28 2.69 -7.48 5.94
CA GLY A 28 3.96 -7.06 6.49
C GLY A 28 4.77 -8.24 6.96
N LYS A 29 6.10 -8.12 6.93
CA LYS A 29 6.95 -9.23 7.29
C LYS A 29 6.68 -9.68 8.73
N GLY A 30 6.50 -10.98 8.91
CA GLY A 30 6.21 -11.51 10.23
C GLY A 30 4.77 -11.45 10.64
N SER A 31 3.87 -11.15 9.71
CA SER A 31 2.44 -11.07 9.99
C SER A 31 1.68 -12.01 9.06
N THR A 32 0.38 -12.14 9.32
CA THR A 32 -0.48 -12.98 8.50
C THR A 32 -0.52 -12.43 7.08
N PRO A 33 -0.16 -13.22 6.07
CA PRO A 33 -0.13 -12.69 4.70
C PRO A 33 -1.52 -12.32 4.19
N PHE A 34 -1.58 -11.19 3.48
CA PHE A 34 -2.80 -10.79 2.78
C PHE A 34 -3.10 -11.73 1.62
N LYS A 35 -2.08 -12.27 0.98
CA LYS A 35 -2.21 -12.99 -0.28
C LYS A 35 -1.24 -14.17 -0.27
N GLY A 36 -1.79 -15.38 -0.18
CA GLY A 36 -0.95 -16.57 -0.22
C GLY A 36 0.10 -16.56 0.87
N ASP A 37 1.33 -16.91 0.50
N ASP A 37 1.33 -16.92 0.51
CA ASP A 37 2.47 -16.91 1.39
CA ASP A 37 2.46 -16.90 1.42
C ASP A 37 3.30 -15.64 1.29
C ASP A 37 3.33 -15.66 1.23
N ASP A 38 2.79 -14.62 0.61
CA ASP A 38 3.49 -13.36 0.41
C ASP A 38 3.10 -12.41 1.53
N ASP A 39 3.98 -12.24 2.52
CA ASP A 39 3.68 -11.38 3.65
C ASP A 39 4.10 -9.93 3.39
N GLY A 40 4.11 -9.50 2.13
CA GLY A 40 4.37 -8.12 1.80
C GLY A 40 3.22 -7.21 2.19
N ILE A 41 3.35 -5.95 1.79
CA ILE A 41 2.39 -4.90 2.10
C ILE A 41 1.41 -4.79 0.95
N PHE A 42 0.13 -5.00 1.23
CA PHE A 42 -0.91 -4.97 0.21
C PHE A 42 -1.97 -3.92 0.57
N ILE A 43 -2.56 -3.34 -0.47
CA ILE A 43 -3.66 -2.40 -0.30
C ILE A 43 -4.93 -3.22 -0.05
N SER A 44 -5.49 -3.11 1.15
CA SER A 44 -6.70 -3.84 1.49
C SER A 44 -7.97 -3.01 1.31
N ARG A 45 -7.86 -1.68 1.30
CA ARG A 45 -9.02 -0.81 1.12
CA ARG A 45 -9.02 -0.81 1.12
C ARG A 45 -8.60 0.45 0.38
N VAL A 46 -9.54 1.00 -0.40
CA VAL A 46 -9.37 2.28 -1.08
C VAL A 46 -10.62 3.10 -0.88
N THR A 47 -10.47 4.28 -0.29
CA THR A 47 -11.61 5.15 -0.01
C THR A 47 -12.14 5.74 -1.30
N GLU A 48 -13.42 5.50 -1.59
CA GLU A 48 -14.04 6.03 -2.79
C GLU A 48 -13.85 7.54 -2.87
N ALA A 49 -13.36 8.00 -4.02
CA ALA A 49 -13.12 9.42 -4.29
C ALA A 49 -12.09 10.02 -3.35
N GLY A 50 -11.34 9.20 -2.61
CA GLY A 50 -10.25 9.67 -1.81
C GLY A 50 -9.00 9.88 -2.62
N PRO A 51 -7.95 10.40 -1.97
CA PRO A 51 -6.70 10.67 -2.69
C PRO A 51 -6.14 9.45 -3.41
N ALA A 52 -6.15 8.29 -2.76
CA ALA A 52 -5.61 7.09 -3.40
C ALA A 52 -6.48 6.65 -4.57
N ASP A 53 -7.81 6.75 -4.42
CA ASP A 53 -8.70 6.36 -5.52
C ASP A 53 -8.51 7.27 -6.72
N LEU A 54 -8.43 8.59 -6.48
CA LEU A 54 -8.18 9.53 -7.57
C LEU A 54 -6.87 9.23 -8.27
N ALA A 55 -5.85 8.81 -7.51
CA ALA A 55 -4.54 8.52 -8.07
C ALA A 55 -4.48 7.18 -8.78
N GLY A 56 -5.53 6.37 -8.68
CA GLY A 56 -5.59 5.10 -9.39
C GLY A 56 -5.21 3.88 -8.59
N LEU A 57 -5.07 3.98 -7.27
CA LEU A 57 -4.73 2.82 -6.46
C LEU A 57 -5.92 1.85 -6.42
N LYS A 58 -5.60 0.55 -6.39
CA LYS A 58 -6.60 -0.50 -6.38
C LYS A 58 -6.35 -1.46 -5.23
N VAL A 59 -7.43 -2.03 -4.71
CA VAL A 59 -7.29 -3.05 -3.66
C VAL A 59 -6.58 -4.25 -4.25
N GLY A 60 -5.69 -4.85 -3.45
CA GLY A 60 -4.86 -5.95 -3.91
C GLY A 60 -3.52 -5.51 -4.46
N ASP A 61 -3.30 -4.22 -4.67
CA ASP A 61 -1.99 -3.73 -5.08
C ASP A 61 -0.95 -4.06 -4.01
N LYS A 62 0.22 -4.50 -4.45
CA LYS A 62 1.34 -4.75 -3.55
C LYS A 62 2.26 -3.52 -3.57
N VAL A 63 2.54 -2.98 -2.40
CA VAL A 63 3.34 -1.77 -2.28
C VAL A 63 4.82 -2.14 -2.28
N ILE A 64 5.57 -1.53 -3.19
CA ILE A 64 6.99 -1.81 -3.38
C ILE A 64 7.85 -0.68 -2.83
N LYS A 65 7.51 0.57 -3.16
CA LYS A 65 8.28 1.73 -2.75
C LYS A 65 7.35 2.87 -2.42
N VAL A 66 7.83 3.78 -1.56
CA VAL A 66 7.15 5.02 -1.22
C VAL A 66 8.18 6.13 -1.33
N ASN A 67 8.00 7.02 -2.31
CA ASN A 67 8.96 8.10 -2.58
C ASN A 67 10.39 7.57 -2.60
N GLY A 68 10.58 6.45 -3.31
CA GLY A 68 11.89 5.84 -3.43
C GLY A 68 12.31 5.00 -2.25
N ILE A 69 11.53 4.98 -1.18
CA ILE A 69 11.84 4.18 0.00
C ILE A 69 11.24 2.80 -0.20
N VAL A 70 12.10 1.78 -0.21
CA VAL A 70 11.63 0.42 -0.44
C VAL A 70 10.94 -0.10 0.82
N VAL A 71 9.80 -0.77 0.64
CA VAL A 71 9.09 -1.39 1.75
C VAL A 71 8.68 -2.81 1.38
N VAL A 72 9.36 -3.42 0.41
CA VAL A 72 8.99 -4.77 0.00
C VAL A 72 9.14 -5.74 1.16
N ASP A 73 10.15 -5.55 2.00
CA ASP A 73 10.41 -6.43 3.14
C ASP A 73 10.02 -5.79 4.46
N ALA A 74 9.26 -4.71 4.45
CA ALA A 74 8.91 -4.01 5.67
C ALA A 74 7.96 -4.85 6.52
N ASP A 75 8.11 -4.75 7.84
CA ASP A 75 7.02 -5.19 8.69
C ASP A 75 5.92 -4.14 8.69
N HIS A 76 4.79 -4.46 9.32
CA HIS A 76 3.61 -3.61 9.19
C HIS A 76 3.85 -2.22 9.75
N TYR A 77 4.39 -2.14 10.97
CA TYR A 77 4.63 -0.84 11.59
C TYR A 77 5.57 0.01 10.74
N GLN A 78 6.59 -0.61 10.15
CA GLN A 78 7.51 0.10 9.28
C GLN A 78 6.76 0.78 8.14
N ALA A 79 5.88 0.04 7.46
CA ALA A 79 5.16 0.59 6.32
C ALA A 79 4.19 1.69 6.74
N VAL A 80 3.52 1.52 7.89
CA VAL A 80 2.63 2.56 8.39
C VAL A 80 3.41 3.85 8.58
N GLN A 81 4.55 3.78 9.25
CA GLN A 81 5.32 4.99 9.53
C GLN A 81 5.82 5.65 8.25
N VAL A 82 6.25 4.85 7.27
CA VAL A 82 6.68 5.43 6.00
C VAL A 82 5.51 6.15 5.33
N LEU A 83 4.33 5.52 5.32
CA LEU A 83 3.18 6.11 4.65
C LEU A 83 2.66 7.32 5.41
N LYS A 84 2.76 7.31 6.74
CA LYS A 84 2.32 8.47 7.52
C LYS A 84 3.29 9.62 7.38
N ALA A 85 4.59 9.34 7.44
CA ALA A 85 5.57 10.36 7.75
C ALA A 85 6.30 10.94 6.54
N CYS A 86 6.22 10.30 5.37
CA CYS A 86 7.21 10.57 4.33
C CYS A 86 6.66 11.34 3.15
N GLY A 87 5.67 12.19 3.37
CA GLY A 87 5.44 13.28 2.44
C GLY A 87 4.00 13.73 2.25
N ALA A 88 3.86 15.01 1.91
CA ALA A 88 2.59 15.54 1.43
C ALA A 88 2.17 14.85 0.14
N VAL A 89 3.13 14.44 -0.69
CA VAL A 89 2.86 13.66 -1.89
C VAL A 89 3.63 12.35 -1.77
N LEU A 90 2.93 11.24 -1.98
CA LEU A 90 3.53 9.91 -1.96
C LEU A 90 3.45 9.33 -3.36
N VAL A 91 4.61 9.10 -3.98
CA VAL A 91 4.68 8.35 -5.22
C VAL A 91 4.92 6.90 -4.82
N LEU A 92 3.86 6.09 -4.90
CA LEU A 92 3.94 4.66 -4.62
C LEU A 92 4.31 3.91 -5.88
N VAL A 93 5.25 2.99 -5.76
CA VAL A 93 5.46 1.95 -6.77
C VAL A 93 4.72 0.72 -6.31
N VAL A 94 3.80 0.22 -7.14
CA VAL A 94 2.96 -0.92 -6.77
C VAL A 94 3.07 -1.96 -7.86
N GLN A 95 2.79 -3.21 -7.47
CA GLN A 95 2.63 -4.32 -8.40
C GLN A 95 1.18 -4.76 -8.41
N ARG A 96 0.67 -5.09 -9.60
CA ARG A 96 -0.74 -5.37 -9.78
C ARG A 96 -0.90 -6.45 -10.84
N GLU A 97 -1.82 -7.38 -10.59
CA GLU A 97 -2.20 -8.34 -11.62
C GLU A 97 -3.23 -7.69 -12.55
N VAL A 98 -2.96 -7.75 -13.85
CA VAL A 98 -3.77 -7.09 -14.85
C VAL A 98 -4.22 -8.14 -15.87
N THR A 99 -5.47 -8.05 -16.28
CA THR A 99 -6.01 -8.97 -17.29
C THR A 99 -5.22 -8.85 -18.58
N LEU B 1 0.32 -15.39 14.52
CA LEU B 1 0.91 -14.19 13.95
C LEU B 1 -0.11 -13.07 14.00
N PRO B 2 0.37 -11.83 14.10
CA PRO B 2 -0.55 -10.70 14.07
C PRO B 2 -1.20 -10.60 12.70
N SER B 3 -2.44 -10.12 12.69
CA SER B 3 -3.16 -9.80 11.47
C SER B 3 -3.48 -8.32 11.55
N PHE B 4 -2.66 -7.50 10.90
CA PHE B 4 -2.76 -6.05 11.00
C PHE B 4 -3.43 -5.49 9.75
N GLU B 5 -4.27 -4.49 9.95
CA GLU B 5 -4.79 -3.65 8.87
C GLU B 5 -4.92 -2.25 9.42
N THR B 6 -4.33 -1.28 8.72
CA THR B 6 -4.23 0.09 9.20
C THR B 6 -4.77 1.03 8.13
N ALA B 7 -5.79 1.80 8.48
CA ALA B 7 -6.36 2.81 7.60
C ALA B 7 -5.55 4.09 7.70
N LEU B 8 -5.31 4.73 6.55
CA LEU B 8 -4.39 5.85 6.46
C LEU B 8 -4.94 6.96 5.58
C1 EDO C . 9.23 15.31 1.68
O1 EDO C . 8.72 16.43 2.39
C2 EDO C . 8.21 14.73 0.71
O2 EDO C . 8.64 13.42 0.32
H11 EDO C . 9.53 14.54 2.39
H12 EDO C . 10.12 15.61 1.12
HO1 EDO C . 9.40 16.77 2.99
H21 EDO C . 8.11 15.37 -0.16
H22 EDO C . 7.23 14.67 1.21
HO2 EDO C . 8.00 13.03 -0.29
C1 EDO D . -4.47 -1.07 -15.50
O1 EDO D . -3.83 -1.54 -16.68
C2 EDO D . -4.69 -2.23 -14.53
O2 EDO D . -5.64 -1.86 -13.53
H11 EDO D . -5.44 -0.63 -15.76
H12 EDO D . -3.86 -0.30 -15.03
HO1 EDO D . -3.69 -0.81 -17.29
H21 EDO D . -3.75 -2.49 -14.06
H22 EDO D . -5.05 -3.10 -15.08
HO2 EDO D . -5.77 -2.61 -12.92
C1 EDO E . 8.58 -9.35 3.66
O1 EDO E . 9.04 -9.31 2.31
C2 EDO E . 7.20 -8.71 3.73
O2 EDO E . 7.27 -7.28 3.53
H11 EDO E . 8.53 -10.38 4.02
H12 EDO E . 9.27 -8.80 4.31
HO1 EDO E . 9.92 -9.72 2.25
H21 EDO E . 6.56 -9.15 2.97
H22 EDO E . 6.75 -8.91 4.70
HO2 EDO E . 6.37 -6.91 3.57
C1 EDO F . 0.46 -8.04 -7.50
O1 EDO F . -0.46 -7.35 -6.64
C2 EDO F . 1.62 -8.56 -6.67
O2 EDO F . 1.26 -9.80 -6.04
H11 EDO F . 0.83 -7.36 -8.27
H12 EDO F . -0.05 -8.88 -7.99
HO1 EDO F . -1.20 -7.02 -7.17
H21 EDO F . 1.91 -7.83 -5.92
H22 EDO F . 2.49 -8.73 -7.32
HO2 EDO F . 1.99 -10.12 -5.52
C1 EDO G . 1.59 -1.29 14.33
O1 EDO G . 1.46 -2.72 14.35
C2 EDO G . 0.30 -0.66 13.83
O2 EDO G . 0.39 0.77 13.91
H11 EDO G . 2.41 -1.01 13.68
H12 EDO G . 1.81 -0.93 15.34
HO1 EDO G . 2.28 -3.11 14.67
H21 EDO G . -0.55 -1.01 14.44
H22 EDO G . 0.11 -0.96 12.80
HO2 EDO G . -0.43 1.17 13.60
C1 EDO H . -1.21 4.63 13.64
O1 EDO H . -0.62 5.82 13.08
C2 EDO H . -2.14 3.99 12.63
O2 EDO H . -3.48 3.97 13.13
H11 EDO H . -1.77 4.88 14.54
H12 EDO H . -0.41 3.92 13.91
HO1 EDO H . -0.03 6.22 13.74
H21 EDO H . -1.81 2.97 12.41
H22 EDO H . -2.11 4.55 11.69
HO2 EDO H . -4.07 3.56 12.48
C1 EDO I . 5.94 -15.63 -1.62
O1 EDO I . 4.81 -15.62 -2.49
C2 EDO I . 6.62 -14.26 -1.59
O2 EDO I . 7.46 -14.17 -0.43
H11 EDO I . 6.66 -16.38 -1.95
H12 EDO I . 5.62 -15.89 -0.61
HO1 EDO I . 4.40 -16.50 -2.48
H21 EDO I . 5.87 -13.47 -1.58
H22 EDO I . 7.23 -14.13 -2.50
HO2 EDO I . 7.89 -13.30 -0.42
C1 PGE J . 4.35 -7.57 11.75
O1 PGE J . 4.63 -7.14 10.45
C2 PGE J . 5.66 -7.76 12.50
O2 PGE J . 6.04 -6.52 13.05
C3 PGE J . 7.21 -6.58 13.81
C4 PGE J . 7.41 -5.23 14.48
O4 PGE J . 3.91 -3.16 15.60
C6 PGE J . 4.92 -3.47 16.52
C5 PGE J . 6.23 -3.65 15.76
O3 PGE J . 6.31 -4.98 15.32
H1 PGE J . 3.86 -8.41 11.73
H12 PGE J . 3.81 -6.90 12.21
HO1 PGE J . 5.11 -7.72 10.07
H2 PGE J . 6.34 -8.06 11.89
H22 PGE J . 5.55 -8.41 13.21
H3 PGE J . 7.96 -6.78 13.23
H32 PGE J . 7.12 -7.28 14.48
H4 PGE J . 7.47 -4.54 13.80
H42 PGE J . 8.22 -5.25 15.00
HO4 PGE J . 3.89 -2.33 15.47
H6 PGE J . 5.01 -2.75 17.16
H62 PGE J . 4.70 -4.29 16.98
H5 PGE J . 6.24 -3.05 14.99
H52 PGE J . 6.98 -3.45 16.34
#